data_2FE7
#
_entry.id   2FE7
#
_cell.length_a   141.375
_cell.length_b   52.036
_cell.length_c   58.970
_cell.angle_alpha   90.00
_cell.angle_beta   94.07
_cell.angle_gamma   90.00
#
_symmetry.space_group_name_H-M   'C 1 2 1'
#
loop_
_entity.id
_entity.type
_entity.pdbx_description
1 polymer 'probable N-acetyltransferase'
2 water water
#
_entity_poly.entity_id   1
_entity_poly.type   'polypeptide(L)'
_entity_poly.pdbx_seq_one_letter_code
;ENLYFQGHMTLEIRPAVPADAEQILAFIIELADYERARHEVVTDVEGIRRSLFAEGSPTRALMCLSEGRPIGYAVFFYSY
STWLGRNGIYLEDLYVTPEYRGVGAGRRLLRELAREAVANDCGRLEWSVLDWNQPAIDFYRSIGALPQDEWVRYRLDGEA
LRKMAE
;
_entity_poly.pdbx_strand_id   A,B
#
# COMPACT_ATOMS: atom_id res chain seq x y z
N LEU A 11 22.59 20.94 2.33
CA LEU A 11 22.30 19.56 2.85
C LEU A 11 22.32 18.52 1.74
N GLU A 12 22.59 17.27 2.12
CA GLU A 12 22.75 16.14 1.20
C GLU A 12 21.62 15.10 1.38
N ILE A 13 21.01 14.70 0.26
CA ILE A 13 20.07 13.57 0.23
C ILE A 13 20.74 12.42 -0.52
N ARG A 14 20.77 11.25 0.12
CA ARG A 14 21.31 10.05 -0.54
C ARG A 14 20.53 8.79 -0.19
N PRO A 15 20.55 7.79 -1.10
CA PRO A 15 19.96 6.48 -0.75
C PRO A 15 20.66 5.89 0.48
N ALA A 16 19.87 5.29 1.38
CA ALA A 16 20.42 4.63 2.56
C ALA A 16 21.12 3.32 2.16
N VAL A 17 22.15 2.98 2.91
CA VAL A 17 22.90 1.73 2.72
C VAL A 17 22.82 0.93 4.01
N PRO A 18 23.14 -0.39 3.98
CA PRO A 18 23.06 -1.24 5.19
C PRO A 18 23.77 -0.65 6.42
N ALA A 19 24.84 0.12 6.22
CA ALA A 19 25.56 0.80 7.30
C ALA A 19 24.74 1.87 8.04
N ASP A 20 23.68 2.36 7.40
CA ASP A 20 22.79 3.36 8.00
C ASP A 20 21.77 2.78 9.00
N ALA A 21 21.68 1.45 9.06
CA ALA A 21 20.60 0.80 9.83
C ALA A 21 20.47 1.28 11.28
N GLU A 22 21.59 1.42 11.98
CA GLU A 22 21.60 1.94 13.35
C GLU A 22 20.97 3.32 13.45
N GLN A 23 21.40 4.24 12.59
CA GLN A 23 20.90 5.61 12.59
C GLN A 23 19.43 5.65 12.19
N ILE A 24 19.06 4.85 11.19
CA ILE A 24 17.66 4.72 10.77
C ILE A 24 16.73 4.29 11.92
N LEU A 25 17.13 3.25 12.66
CA LEU A 25 16.33 2.77 13.79
C LEU A 25 16.19 3.83 14.89
N ALA A 26 17.28 4.54 15.21
CA ALA A 26 17.23 5.64 16.18
C ALA A 26 16.20 6.69 15.76
N PHE A 27 16.21 7.04 14.48
CA PHE A 27 15.24 7.98 13.92
C PHE A 27 13.81 7.41 13.91
N ILE A 28 13.66 6.14 13.53
CA ILE A 28 12.36 5.45 13.56
C ILE A 28 11.73 5.57 14.95
N ILE A 29 12.54 5.33 15.98
CA ILE A 29 12.09 5.44 17.37
C ILE A 29 11.71 6.87 17.72
N GLU A 30 12.53 7.83 17.30
CA GLU A 30 12.24 9.25 17.52
C GLU A 30 10.89 9.62 16.89
N LEU A 31 10.70 9.21 15.64
CA LEU A 31 9.42 9.47 14.96
C LEU A 31 8.23 8.78 15.66
N ALA A 32 8.36 7.49 15.97
CA ALA A 32 7.32 6.74 16.67
C ALA A 32 6.97 7.40 18.00
N ASP A 33 8.00 7.88 18.71
CA ASP A 33 7.79 8.54 19.99
C ASP A 33 6.94 9.79 19.79
N TYR A 34 7.28 10.62 18.81
CA TYR A 34 6.46 11.79 18.50
C TYR A 34 5.00 11.38 18.17
N GLU A 35 4.85 10.33 17.38
CA GLU A 35 3.54 9.83 16.97
C GLU A 35 2.79 9.06 18.07
N ARG A 36 3.31 9.16 19.29
CA ARG A 36 2.68 8.57 20.48
C ARG A 36 2.58 7.06 20.40
N ALA A 37 3.64 6.45 19.89
CA ALA A 37 3.64 5.05 19.53
C ALA A 37 5.01 4.42 19.74
N ARG A 38 5.82 4.98 20.63
CA ARG A 38 7.14 4.44 20.94
C ARG A 38 7.13 2.94 21.23
N HIS A 39 6.12 2.49 21.96
CA HIS A 39 5.96 1.09 22.34
C HIS A 39 5.66 0.16 21.15
N GLU A 40 5.25 0.72 20.02
CA GLU A 40 4.98 -0.08 18.83
C GLU A 40 6.25 -0.50 18.08
N VAL A 41 7.38 0.14 18.37
CA VAL A 41 8.64 -0.25 17.72
C VAL A 41 9.18 -1.48 18.43
N VAL A 42 8.97 -2.64 17.82
CA VAL A 42 9.34 -3.91 18.44
C VAL A 42 10.54 -4.56 17.75
N THR A 43 11.03 -3.90 16.69
CA THR A 43 12.19 -4.37 15.96
C THR A 43 13.53 -3.87 16.55
N ASP A 44 14.62 -4.57 16.20
CA ASP A 44 15.97 -4.11 16.52
C ASP A 44 16.73 -3.80 15.24
N VAL A 45 18.00 -3.39 15.35
CA VAL A 45 18.79 -3.03 14.18
C VAL A 45 18.93 -4.23 13.23
N GLU A 46 19.16 -5.41 13.81
CA GLU A 46 19.19 -6.67 13.06
C GLU A 46 17.94 -6.83 12.20
N GLY A 47 16.77 -6.72 12.83
CA GLY A 47 15.49 -6.83 12.13
C GLY A 47 15.31 -5.84 10.99
N ILE A 48 15.78 -4.61 11.19
CA ILE A 48 15.78 -3.57 10.14
C ILE A 48 16.72 -3.98 8.99
N ARG A 49 17.95 -4.38 9.33
CA ARG A 49 18.92 -4.89 8.35
C ARG A 49 18.34 -6.02 7.49
N ARG A 50 17.76 -7.04 8.14
CA ARG A 50 17.29 -8.25 7.45
C ARG A 50 16.11 -8.03 6.51
N SER A 51 15.35 -6.96 6.77
CA SER A 51 14.14 -6.68 6.02
C SER A 51 14.32 -5.51 5.07
N LEU A 52 14.65 -4.33 5.63
CA LEU A 52 14.86 -3.12 4.83
C LEU A 52 16.00 -3.29 3.84
N PHE A 53 17.07 -3.96 4.26
CA PHE A 53 18.24 -4.11 3.40
C PHE A 53 18.46 -5.54 2.91
N ALA A 54 17.39 -6.33 2.87
CA ALA A 54 17.44 -7.68 2.31
C ALA A 54 17.74 -7.60 0.82
N GLU A 55 18.53 -8.56 0.33
CA GLU A 55 18.68 -8.73 -1.11
C GLU A 55 17.28 -8.86 -1.71
N GLY A 56 16.98 -8.05 -2.73
CA GLY A 56 15.65 -8.05 -3.37
C GLY A 56 14.54 -7.29 -2.63
N SER A 57 14.94 -6.45 -1.66
CA SER A 57 13.97 -5.69 -0.86
C SER A 57 13.13 -4.72 -1.71
N PRO A 58 11.79 -4.72 -1.50
CA PRO A 58 10.92 -3.75 -2.18
C PRO A 58 10.93 -2.36 -1.52
N THR A 59 11.58 -2.24 -0.37
CA THR A 59 11.56 -1.00 0.39
C THR A 59 12.86 -0.24 0.23
N ARG A 60 12.73 1.08 0.13
CA ARG A 60 13.88 1.96 0.03
C ARG A 60 13.89 2.96 1.17
N ALA A 61 15.06 3.54 1.40
CA ALA A 61 15.21 4.59 2.38
C ALA A 61 16.14 5.67 1.85
N LEU A 62 15.86 6.89 2.28
CA LEU A 62 16.68 8.05 1.96
C LEU A 62 17.23 8.60 3.26
N MET A 63 18.49 9.01 3.22
CA MET A 63 19.10 9.75 4.33
C MET A 63 19.23 11.22 3.96
N CYS A 64 18.90 12.08 4.90
CA CYS A 64 19.19 13.51 4.78
C CYS A 64 20.32 13.86 5.73
N LEU A 65 21.35 14.51 5.19
CA LEU A 65 22.51 14.88 6.00
C LEU A 65 22.82 16.36 5.88
N SER A 66 23.29 16.94 6.97
CA SER A 66 23.83 18.30 6.96
C SER A 66 25.29 18.23 7.41
N GLU A 67 26.19 18.55 6.48
CA GLU A 67 27.65 18.52 6.72
C GLU A 67 28.17 17.18 7.24
N GLY A 68 27.66 16.09 6.66
CA GLY A 68 28.08 14.74 7.03
C GLY A 68 27.32 14.17 8.21
N ARG A 69 26.56 15.01 8.90
CA ARG A 69 25.75 14.61 10.05
C ARG A 69 24.35 14.20 9.57
N PRO A 70 23.91 12.96 9.88
CA PRO A 70 22.52 12.56 9.57
C PRO A 70 21.50 13.38 10.34
N ILE A 71 20.57 14.02 9.64
CA ILE A 71 19.58 14.89 10.29
C ILE A 71 18.12 14.44 10.09
N GLY A 72 17.92 13.55 9.12
CA GLY A 72 16.59 13.01 8.85
C GLY A 72 16.61 11.85 7.89
N TYR A 73 15.42 11.28 7.63
CA TYR A 73 15.27 10.10 6.78
C TYR A 73 13.86 9.97 6.19
N ALA A 74 13.76 9.18 5.13
CA ALA A 74 12.46 8.70 4.66
C ALA A 74 12.55 7.21 4.38
N VAL A 75 11.41 6.53 4.45
CA VAL A 75 11.27 5.14 4.08
C VAL A 75 10.05 5.04 3.17
N PHE A 76 10.23 4.41 2.02
CA PHE A 76 9.17 4.34 1.02
C PHE A 76 9.19 3.07 0.19
N PHE A 77 8.07 2.79 -0.44
CA PHE A 77 7.93 1.64 -1.34
C PHE A 77 6.99 1.99 -2.48
N TYR A 78 7.00 1.15 -3.52
CA TYR A 78 6.16 1.40 -4.68
C TYR A 78 4.76 0.81 -4.51
N SER A 79 3.77 1.65 -4.78
CA SER A 79 2.37 1.25 -4.85
C SER A 79 1.95 1.13 -6.32
N TYR A 80 0.66 0.89 -6.52
CA TYR A 80 0.09 0.78 -7.87
C TYR A 80 -1.34 1.28 -7.88
N SER A 81 -1.68 2.06 -8.90
CA SER A 81 -3.05 2.49 -9.13
C SER A 81 -3.59 1.79 -10.36
N THR A 82 -4.61 0.97 -10.16
CA THR A 82 -5.29 0.29 -11.25
C THR A 82 -6.10 1.27 -12.10
N TRP A 83 -6.52 2.39 -11.51
CA TRP A 83 -7.28 3.40 -12.24
C TRP A 83 -6.39 4.14 -13.26
N LEU A 84 -5.16 4.41 -12.85
CA LEU A 84 -4.18 5.15 -13.65
C LEU A 84 -3.34 4.23 -14.51
N GLY A 85 -3.32 2.95 -14.15
CA GLY A 85 -2.43 1.97 -14.78
C GLY A 85 -0.99 2.38 -14.59
N ARG A 86 -0.67 2.88 -13.40
CA ARG A 86 0.66 3.42 -13.11
C ARG A 86 1.12 3.06 -11.71
N ASN A 87 2.42 2.86 -11.56
CA ASN A 87 3.01 2.73 -10.22
C ASN A 87 2.81 4.04 -9.46
N GLY A 88 2.88 3.97 -8.15
CA GLY A 88 2.97 5.15 -7.31
C GLY A 88 4.05 4.90 -6.28
N ILE A 89 4.34 5.92 -5.47
CA ILE A 89 5.21 5.74 -4.31
C ILE A 89 4.40 6.02 -3.06
N TYR A 90 4.54 5.15 -2.07
CA TYR A 90 3.97 5.40 -0.75
C TYR A 90 5.11 5.66 0.23
N LEU A 91 5.04 6.82 0.89
CA LEU A 91 6.01 7.25 1.88
C LEU A 91 5.55 6.81 3.27
N GLU A 92 6.25 5.84 3.86
CA GLU A 92 5.86 5.29 5.18
C GLU A 92 6.31 6.17 6.34
N ASP A 93 7.57 6.58 6.32
CA ASP A 93 8.16 7.42 7.37
C ASP A 93 8.86 8.61 6.73
N LEU A 94 8.69 9.78 7.35
CA LEU A 94 9.44 10.98 6.98
C LEU A 94 9.72 11.72 8.27
N TYR A 95 10.99 12.01 8.54
CA TYR A 95 11.36 12.62 9.81
C TYR A 95 12.63 13.46 9.68
N VAL A 96 12.59 14.65 10.30
CA VAL A 96 13.78 15.49 10.49
C VAL A 96 13.91 15.76 11.99
N THR A 97 15.09 15.52 12.55
CA THR A 97 15.35 15.74 13.98
C THR A 97 15.10 17.22 14.36
N PRO A 98 14.54 17.47 15.57
CA PRO A 98 14.16 18.82 16.04
C PRO A 98 15.19 19.94 15.82
N GLU A 99 16.47 19.67 16.03
CA GLU A 99 17.49 20.72 15.93
C GLU A 99 17.70 21.22 14.49
N TYR A 100 17.00 20.61 13.53
CA TYR A 100 17.16 20.94 12.11
C TYR A 100 15.85 21.20 11.38
N ARG A 101 14.80 21.55 12.13
CA ARG A 101 13.48 21.75 11.54
C ARG A 101 13.17 23.20 11.23
N GLY A 104 15.29 23.94 5.19
CA GLY A 104 14.06 23.18 4.95
C GLY A 104 14.31 21.76 4.50
N ALA A 105 14.70 20.90 5.44
CA ALA A 105 15.12 19.53 5.15
C ALA A 105 13.99 18.57 4.75
N GLY A 106 12.84 18.70 5.40
CA GLY A 106 11.67 17.86 5.12
C GLY A 106 11.15 18.05 3.72
N ARG A 107 11.08 19.32 3.31
CA ARG A 107 10.65 19.71 1.98
C ARG A 107 11.62 19.17 0.93
N ARG A 108 12.91 19.19 1.26
CA ARG A 108 13.96 18.66 0.40
C ARG A 108 13.83 17.15 0.18
N LEU A 109 13.56 16.42 1.26
CA LEU A 109 13.32 14.97 1.18
C LEU A 109 12.11 14.66 0.30
N LEU A 110 11.02 15.42 0.49
CA LEU A 110 9.82 15.27 -0.34
C LEU A 110 10.06 15.55 -1.82
N ARG A 111 10.85 16.57 -2.09
CA ARG A 111 11.21 16.95 -3.46
C ARG A 111 11.89 15.78 -4.17
N GLU A 112 12.85 15.16 -3.47
CA GLU A 112 13.58 14.02 -4.02
C GLU A 112 12.66 12.85 -4.31
N LEU A 113 11.70 12.62 -3.42
CA LEU A 113 10.70 11.56 -3.61
C LEU A 113 9.82 11.85 -4.81
N ALA A 114 9.40 13.12 -4.95
CA ALA A 114 8.61 13.56 -6.10
C ALA A 114 9.39 13.39 -7.41
N ARG A 115 10.66 13.79 -7.40
CA ARG A 115 11.53 13.60 -8.56
C ARG A 115 11.65 12.11 -8.92
N GLU A 116 11.78 11.27 -7.90
CA GLU A 116 11.82 9.83 -8.11
C GLU A 116 10.49 9.36 -8.73
N ALA A 117 9.37 9.88 -8.21
CA ALA A 117 8.04 9.55 -8.72
C ALA A 117 7.90 9.93 -10.20
N VAL A 118 8.30 11.14 -10.54
CA VAL A 118 8.25 11.62 -11.93
C VAL A 118 9.17 10.80 -12.87
N ALA A 119 10.40 10.54 -12.46
CA ALA A 119 11.34 9.78 -13.29
C ALA A 119 10.90 8.34 -13.50
N ASN A 120 10.26 7.76 -12.48
CA ASN A 120 9.79 6.38 -12.56
C ASN A 120 8.34 6.23 -13.04
N ASP A 121 7.84 7.24 -13.73
CA ASP A 121 6.50 7.18 -14.33
C ASP A 121 5.37 6.93 -13.30
N CYS A 122 5.49 7.54 -12.13
CA CYS A 122 4.48 7.37 -11.06
C CYS A 122 3.36 8.41 -11.10
N GLY A 123 2.12 7.97 -10.89
CA GLY A 123 0.97 8.88 -10.89
C GLY A 123 0.74 9.60 -9.57
N ARG A 124 1.18 8.99 -8.47
CA ARG A 124 0.85 9.47 -7.13
C ARG A 124 2.02 9.31 -6.17
N LEU A 125 2.20 10.31 -5.31
CA LEU A 125 3.04 10.19 -4.12
C LEU A 125 2.08 10.33 -2.94
N GLU A 126 2.10 9.36 -2.02
CA GLU A 126 1.12 9.32 -0.93
C GLU A 126 1.80 8.96 0.38
N TRP A 127 1.09 9.22 1.47
CA TRP A 127 1.60 9.01 2.82
C TRP A 127 0.41 9.20 3.76
N SER A 128 0.62 8.92 5.04
CA SER A 128 -0.46 9.05 6.00
C SER A 128 -0.07 9.93 7.14
N VAL A 129 -1.07 10.52 7.79
CA VAL A 129 -0.85 11.39 8.93
C VAL A 129 -1.91 11.14 9.98
N LEU A 130 -1.49 11.21 11.24
CA LEU A 130 -2.40 11.09 12.37
C LEU A 130 -3.29 12.31 12.42
N ASP A 131 -4.58 12.10 12.67
CA ASP A 131 -5.55 13.18 12.62
C ASP A 131 -5.33 14.27 13.68
N TRP A 132 -4.61 13.95 14.75
CA TRP A 132 -4.30 14.94 15.81
C TRP A 132 -3.03 15.76 15.55
N ASN A 133 -2.26 15.37 14.54
CA ASN A 133 -0.92 15.93 14.30
C ASN A 133 -1.03 17.16 13.39
N GLN A 134 -1.50 18.26 13.96
CA GLN A 134 -1.83 19.45 13.17
C GLN A 134 -0.61 20.07 12.48
N PRO A 135 0.57 20.08 13.14
CA PRO A 135 1.80 20.55 12.48
C PRO A 135 2.12 19.79 11.18
N ALA A 136 1.99 18.48 11.17
CA ALA A 136 2.19 17.70 9.94
C ALA A 136 1.10 18.04 8.91
N ILE A 137 -0.16 18.03 9.35
CA ILE A 137 -1.30 18.40 8.48
C ILE A 137 -1.08 19.78 7.84
N ASP A 138 -0.72 20.78 8.66
CA ASP A 138 -0.41 22.12 8.16
C ASP A 138 0.69 22.10 7.10
N PHE A 139 1.75 21.33 7.35
CA PHE A 139 2.85 21.24 6.37
C PHE A 139 2.41 20.60 5.06
N TYR A 140 1.71 19.46 5.15
CA TYR A 140 1.21 18.78 3.97
C TYR A 140 0.25 19.63 3.14
N ARG A 141 -0.65 20.33 3.84
CA ARG A 141 -1.55 21.27 3.16
C ARG A 141 -0.76 22.33 2.39
N SER A 142 0.34 22.80 2.99
CA SER A 142 1.12 23.89 2.41
C SER A 142 1.88 23.49 1.13
N ILE A 143 2.03 22.19 0.88
CA ILE A 143 2.70 21.74 -0.33
C ILE A 143 1.72 21.23 -1.41
N GLY A 144 0.43 21.46 -1.19
CA GLY A 144 -0.58 21.11 -2.20
C GLY A 144 -1.12 19.69 -2.12
N ALA A 145 -0.79 18.97 -1.04
CA ALA A 145 -1.31 17.61 -0.85
C ALA A 145 -2.76 17.63 -0.40
N LEU A 146 -3.51 16.61 -0.80
CA LEU A 146 -4.94 16.55 -0.57
C LEU A 146 -5.32 15.28 0.16
N PRO A 147 -6.25 15.38 1.14
CA PRO A 147 -6.66 14.25 1.95
C PRO A 147 -7.61 13.32 1.20
N GLN A 148 -7.34 12.02 1.31
CA GLN A 148 -8.15 10.99 0.70
C GLN A 148 -9.04 10.43 1.79
N ASP A 149 -9.94 11.27 2.30
CA ASP A 149 -10.62 10.94 3.54
C ASP A 149 -11.93 10.16 3.42
N GLU A 150 -12.26 9.69 2.23
CA GLU A 150 -13.39 8.80 2.07
C GLU A 150 -13.03 7.34 2.39
N TRP A 151 -11.74 7.05 2.44
CA TRP A 151 -11.25 5.68 2.65
C TRP A 151 -10.87 5.43 4.09
N VAL A 152 -11.09 4.21 4.55
CA VAL A 152 -10.59 3.75 5.86
C VAL A 152 -9.65 2.58 5.61
N ARG A 153 -8.42 2.65 6.15
CA ARG A 153 -7.47 1.54 6.03
C ARG A 153 -7.85 0.43 7.00
N TYR A 154 -7.97 -0.80 6.51
CA TYR A 154 -8.19 -1.96 7.39
C TYR A 154 -6.95 -2.82 7.46
N ARG A 155 -6.80 -3.53 8.57
CA ARG A 155 -5.58 -4.29 8.83
C ARG A 155 -5.88 -5.60 9.53
N LEU A 156 -5.26 -6.67 9.05
CA LEU A 156 -5.14 -7.86 9.88
C LEU A 156 -3.68 -8.12 10.19
N ASP A 157 -3.43 -8.42 11.46
CA ASP A 157 -2.11 -8.75 11.94
C ASP A 157 -2.31 -9.67 13.14
N GLY A 158 -1.20 -10.10 13.74
CA GLY A 158 -1.24 -10.98 14.91
C GLY A 158 -2.03 -12.24 14.67
N GLU A 159 -2.82 -12.63 15.66
CA GLU A 159 -3.61 -13.87 15.62
C GLU A 159 -4.66 -13.87 14.51
N ALA A 160 -5.31 -12.72 14.31
CA ALA A 160 -6.34 -12.63 13.29
C ALA A 160 -5.77 -12.93 11.91
N LEU A 161 -4.56 -12.44 11.63
CA LEU A 161 -3.88 -12.74 10.38
C LEU A 161 -3.55 -14.23 10.26
N ARG A 162 -2.95 -14.79 11.31
CA ARG A 162 -2.55 -16.20 11.31
C ARG A 162 -3.78 -17.11 11.12
N LYS A 163 -4.87 -16.79 11.81
CA LYS A 163 -6.08 -17.58 11.73
C LYS A 163 -6.77 -17.50 10.36
N MET A 164 -6.73 -16.32 9.73
CA MET A 164 -7.26 -16.13 8.37
C MET A 164 -6.49 -16.98 7.37
N ALA A 165 -5.16 -16.97 7.47
CA ALA A 165 -4.29 -17.80 6.63
C ALA A 165 -4.65 -19.29 6.74
N GLU A 166 -4.73 -19.78 7.97
CA GLU A 166 -5.28 -21.10 8.24
C GLU A 166 -6.80 -21.06 8.04
N GLU B 1 -44.81 -23.32 -2.15
CA GLU B 1 -43.82 -24.43 -2.24
C GLU B 1 -42.63 -24.07 -3.14
N ASN B 2 -41.44 -24.29 -2.60
CA ASN B 2 -40.19 -24.22 -3.35
C ASN B 2 -39.11 -24.91 -2.52
N LEU B 3 -37.92 -25.02 -3.07
CA LEU B 3 -36.88 -25.83 -2.46
C LEU B 3 -35.51 -25.19 -2.64
N TYR B 4 -34.80 -25.05 -1.52
CA TYR B 4 -33.42 -24.54 -1.55
C TYR B 4 -32.46 -25.69 -1.28
N PHE B 5 -31.34 -25.67 -2.00
CA PHE B 5 -30.31 -26.69 -1.88
C PHE B 5 -28.97 -26.10 -2.26
N GLN B 6 -27.89 -26.76 -1.83
CA GLN B 6 -26.54 -26.28 -2.12
C GLN B 6 -26.02 -26.81 -3.44
N GLY B 7 -25.49 -25.90 -4.24
CA GLY B 7 -24.74 -26.27 -5.45
C GLY B 7 -23.25 -26.13 -5.15
N HIS B 8 -22.43 -26.90 -5.85
CA HIS B 8 -20.98 -26.87 -5.64
C HIS B 8 -20.26 -26.72 -6.96
N MET B 9 -19.48 -25.64 -7.11
CA MET B 9 -18.60 -25.50 -8.27
C MET B 9 -17.14 -25.51 -7.84
N THR B 10 -16.26 -26.06 -8.67
CA THR B 10 -14.85 -25.92 -8.39
C THR B 10 -14.36 -24.59 -8.95
N LEU B 11 -13.69 -23.84 -8.08
CA LEU B 11 -13.18 -22.53 -8.45
C LEU B 11 -11.66 -22.60 -8.49
N GLU B 12 -11.07 -21.71 -9.27
CA GLU B 12 -9.63 -21.67 -9.41
C GLU B 12 -9.10 -20.29 -9.03
N ILE B 13 -7.99 -20.27 -8.31
CA ILE B 13 -7.19 -19.06 -8.14
C ILE B 13 -5.83 -19.33 -8.76
N ARG B 14 -5.39 -18.43 -9.65
CA ARG B 14 -4.07 -18.51 -10.26
C ARG B 14 -3.43 -17.12 -10.39
N PRO B 15 -2.08 -17.06 -10.45
CA PRO B 15 -1.45 -15.77 -10.76
C PRO B 15 -1.90 -15.31 -12.14
N ALA B 16 -2.05 -14.01 -12.33
CA ALA B 16 -2.41 -13.45 -13.63
C ALA B 16 -1.24 -13.48 -14.60
N VAL B 17 -1.54 -13.53 -15.89
CA VAL B 17 -0.53 -13.51 -16.96
C VAL B 17 -0.82 -12.33 -17.88
N PRO B 18 0.16 -11.90 -18.71
CA PRO B 18 -0.08 -10.76 -19.60
C PRO B 18 -1.37 -10.84 -20.43
N ALA B 19 -1.78 -12.05 -20.83
CA ALA B 19 -3.02 -12.22 -21.59
C ALA B 19 -4.30 -11.91 -20.80
N ASP B 20 -4.19 -11.83 -19.48
CA ASP B 20 -5.32 -11.46 -18.62
C ASP B 20 -5.65 -9.96 -18.60
N ALA B 21 -4.78 -9.13 -19.19
CA ALA B 21 -4.92 -7.67 -19.14
C ALA B 21 -6.30 -7.16 -19.53
N GLU B 22 -6.85 -7.59 -20.68
CA GLU B 22 -8.17 -7.09 -21.10
C GLU B 22 -9.26 -7.41 -20.08
N GLN B 23 -9.26 -8.65 -19.57
CA GLN B 23 -10.19 -9.01 -18.49
C GLN B 23 -9.95 -8.21 -17.21
N ILE B 24 -8.68 -8.06 -16.83
CA ILE B 24 -8.34 -7.29 -15.62
C ILE B 24 -8.85 -5.85 -15.75
N LEU B 25 -8.63 -5.21 -16.90
CA LEU B 25 -9.16 -3.87 -17.13
C LEU B 25 -10.68 -3.85 -17.04
N ALA B 26 -11.33 -4.84 -17.66
CA ALA B 26 -12.77 -4.97 -17.59
C ALA B 26 -13.24 -4.99 -16.13
N PHE B 27 -12.57 -5.79 -15.31
CA PHE B 27 -12.93 -5.90 -13.89
C PHE B 27 -12.59 -4.62 -13.10
N ILE B 28 -11.46 -4.00 -13.43
CA ILE B 28 -11.09 -2.72 -12.81
C ILE B 28 -12.21 -1.69 -13.00
N ILE B 29 -12.77 -1.66 -14.20
CA ILE B 29 -13.86 -0.73 -14.51
C ILE B 29 -15.12 -1.06 -13.71
N GLU B 30 -15.46 -2.34 -13.63
CA GLU B 30 -16.61 -2.80 -12.85
C GLU B 30 -16.47 -2.43 -11.36
N LEU B 31 -15.26 -2.61 -10.82
CA LEU B 31 -15.01 -2.26 -9.42
C LEU B 31 -15.10 -0.75 -9.21
N ALA B 32 -14.47 0.02 -10.08
CA ALA B 32 -14.49 1.47 -10.00
C ALA B 32 -15.92 1.98 -10.09
N ASP B 33 -16.72 1.34 -10.95
CA ASP B 33 -18.12 1.71 -11.08
C ASP B 33 -18.88 1.43 -9.79
N TYR B 34 -18.65 0.28 -9.17
CA TYR B 34 -19.25 -0.01 -7.87
C TYR B 34 -18.80 1.02 -6.82
N GLU B 35 -17.55 1.46 -6.93
CA GLU B 35 -16.99 2.43 -6.01
C GLU B 35 -17.36 3.88 -6.36
N ARG B 36 -18.28 4.03 -7.31
CA ARG B 36 -18.80 5.35 -7.73
C ARG B 36 -17.68 6.24 -8.28
N ALA B 37 -16.80 5.63 -9.05
CA ALA B 37 -15.60 6.31 -9.54
C ALA B 37 -15.22 5.84 -10.94
N ARG B 38 -16.22 5.44 -11.73
CA ARG B 38 -15.98 4.95 -13.07
C ARG B 38 -15.12 5.90 -13.90
N HIS B 39 -15.39 7.20 -13.76
CA HIS B 39 -14.69 8.21 -14.53
C HIS B 39 -13.20 8.32 -14.16
N GLU B 40 -12.81 7.73 -13.04
CA GLU B 40 -11.42 7.79 -12.61
C GLU B 40 -10.50 6.80 -13.34
N VAL B 41 -11.08 5.83 -14.03
CA VAL B 41 -10.29 4.84 -14.78
C VAL B 41 -9.86 5.49 -16.08
N VAL B 42 -8.59 5.84 -16.18
CA VAL B 42 -8.08 6.58 -17.32
C VAL B 42 -7.02 5.80 -18.09
N THR B 43 -6.70 4.61 -17.61
CA THR B 43 -5.73 3.74 -18.28
C THR B 43 -6.39 2.97 -19.43
N ASP B 44 -5.58 2.31 -20.25
CA ASP B 44 -6.07 1.42 -21.31
C ASP B 44 -5.43 0.04 -21.17
N VAL B 45 -5.88 -0.92 -21.98
CA VAL B 45 -5.43 -2.31 -21.85
C VAL B 45 -3.89 -2.46 -21.95
N GLU B 46 -3.28 -1.74 -22.88
CA GLU B 46 -1.83 -1.82 -23.05
C GLU B 46 -1.09 -1.17 -21.89
N GLY B 47 -1.66 -0.10 -21.33
CA GLY B 47 -1.12 0.51 -20.11
C GLY B 47 -1.06 -0.49 -18.96
N ILE B 48 -2.18 -1.17 -18.71
CA ILE B 48 -2.27 -2.26 -17.72
C ILE B 48 -1.30 -3.41 -18.02
N ARG B 49 -1.36 -3.95 -19.24
CA ARG B 49 -0.48 -5.06 -19.63
C ARG B 49 1.00 -4.75 -19.40
N ARG B 50 1.43 -3.56 -19.77
CA ARG B 50 2.84 -3.20 -19.67
C ARG B 50 3.28 -2.95 -18.23
N SER B 51 2.50 -2.18 -17.47
CA SER B 51 2.88 -1.79 -16.12
C SER B 51 2.72 -2.94 -15.12
N LEU B 52 1.63 -3.69 -15.23
CA LEU B 52 1.34 -4.76 -14.29
C LEU B 52 2.33 -5.93 -14.46
N PHE B 53 2.78 -6.14 -15.69
CA PHE B 53 3.61 -7.31 -16.00
C PHE B 53 5.03 -6.96 -16.40
N ALA B 54 5.44 -5.72 -16.15
CA ALA B 54 6.82 -5.32 -16.36
C ALA B 54 7.73 -6.22 -15.52
N GLU B 55 8.94 -6.44 -16.01
CA GLU B 55 9.95 -7.14 -15.23
C GLU B 55 10.25 -6.24 -14.04
N GLY B 56 10.24 -6.82 -12.84
CA GLY B 56 10.49 -6.04 -11.62
C GLY B 56 9.35 -5.08 -11.31
N SER B 57 8.14 -5.43 -11.75
CA SER B 57 6.95 -4.77 -11.24
C SER B 57 6.80 -5.17 -9.78
N PRO B 58 6.56 -4.20 -8.89
CA PRO B 58 6.29 -4.44 -7.47
C PRO B 58 4.91 -5.06 -7.25
N THR B 59 4.09 -5.06 -8.29
CA THR B 59 2.70 -5.40 -8.19
C THR B 59 2.40 -6.81 -8.68
N ARG B 60 1.52 -7.50 -7.98
CA ARG B 60 1.06 -8.82 -8.39
C ARG B 60 -0.46 -8.90 -8.48
N ALA B 61 -0.93 -9.73 -9.41
CA ALA B 61 -2.35 -9.88 -9.64
C ALA B 61 -2.72 -11.34 -9.65
N LEU B 62 -3.88 -11.63 -9.05
CA LEU B 62 -4.46 -12.97 -9.05
C LEU B 62 -5.77 -12.93 -9.78
N MET B 63 -6.06 -14.03 -10.47
CA MET B 63 -7.34 -14.22 -11.14
C MET B 63 -8.12 -15.28 -10.37
N CYS B 64 -9.44 -15.08 -10.27
CA CYS B 64 -10.33 -16.14 -9.79
C CYS B 64 -11.22 -16.54 -10.93
N LEU B 65 -11.38 -17.85 -11.12
CA LEU B 65 -12.10 -18.39 -12.28
C LEU B 65 -13.01 -19.56 -11.90
N SER B 66 -14.02 -19.80 -12.75
CA SER B 66 -14.87 -20.98 -12.65
C SER B 66 -14.87 -21.67 -14.01
N GLU B 67 -14.22 -22.83 -14.11
CA GLU B 67 -13.95 -23.48 -15.40
C GLU B 67 -13.48 -22.40 -16.37
N GLY B 68 -12.54 -21.59 -15.89
CA GLY B 68 -12.52 -20.15 -16.15
C GLY B 68 -12.36 -19.59 -17.54
N ARG B 69 -13.22 -18.67 -17.97
CA ARG B 69 -14.29 -17.98 -17.19
C ARG B 69 -13.87 -17.24 -15.90
N PRO B 70 -13.16 -16.11 -16.05
CA PRO B 70 -12.79 -15.29 -14.88
C PRO B 70 -14.02 -14.72 -14.18
N ILE B 71 -14.02 -14.76 -12.84
CA ILE B 71 -15.14 -14.26 -12.04
C ILE B 71 -14.72 -13.15 -11.06
N GLY B 72 -13.42 -12.96 -10.90
CA GLY B 72 -12.87 -11.97 -9.99
C GLY B 72 -11.37 -11.84 -10.09
N TYR B 73 -10.82 -10.85 -9.38
CA TYR B 73 -9.37 -10.60 -9.40
C TYR B 73 -8.95 -9.89 -8.11
N ALA B 74 -7.64 -9.90 -7.86
CA ALA B 74 -7.02 -9.08 -6.83
C ALA B 74 -5.69 -8.55 -7.32
N VAL B 75 -5.38 -7.32 -6.91
CA VAL B 75 -4.11 -6.67 -7.18
C VAL B 75 -3.49 -6.24 -5.86
N PHE B 76 -2.24 -6.62 -5.63
CA PHE B 76 -1.56 -6.26 -4.39
C PHE B 76 -0.08 -5.98 -4.61
N PHE B 77 0.56 -5.43 -3.58
CA PHE B 77 1.99 -5.15 -3.58
C PHE B 77 2.52 -5.21 -2.15
N TYR B 78 3.84 -5.27 -2.00
CA TYR B 78 4.44 -5.28 -0.67
C TYR B 78 4.55 -3.89 -0.06
N SER B 79 4.24 -3.83 1.24
CA SER B 79 4.42 -2.63 2.05
C SER B 79 5.56 -2.89 3.03
N TYR B 80 5.85 -1.92 3.88
CA TYR B 80 6.86 -2.09 4.93
C TYR B 80 6.43 -1.39 6.21
N SER B 81 6.62 -2.06 7.34
CA SER B 81 6.45 -1.45 8.66
C SER B 81 7.82 -1.23 9.29
N THR B 82 8.16 0.04 9.51
CA THR B 82 9.39 0.36 10.25
C THR B 82 9.30 -0.01 11.72
N TRP B 83 8.09 -0.07 12.27
CA TRP B 83 7.89 -0.40 13.68
C TRP B 83 8.09 -1.89 13.93
N LEU B 84 7.62 -2.70 13.00
CA LEU B 84 7.80 -4.14 13.06
C LEU B 84 9.12 -4.59 12.44
N GLY B 85 9.69 -3.75 11.57
CA GLY B 85 10.87 -4.16 10.81
C GLY B 85 10.54 -5.38 9.95
N ARG B 86 9.35 -5.36 9.35
CA ARG B 86 8.83 -6.46 8.54
C ARG B 86 8.05 -5.90 7.37
N ASN B 87 8.20 -6.57 6.23
CA ASN B 87 7.33 -6.35 5.09
C ASN B 87 5.88 -6.63 5.48
N GLY B 88 4.98 -6.10 4.67
CA GLY B 88 3.56 -6.43 4.76
C GLY B 88 3.05 -6.53 3.34
N ILE B 89 1.79 -6.90 3.18
CA ILE B 89 1.10 -6.87 1.88
C ILE B 89 -0.04 -5.87 1.92
N TYR B 90 -0.13 -5.02 0.90
CA TYR B 90 -1.28 -4.13 0.74
C TYR B 90 -2.11 -4.57 -0.45
N LEU B 91 -3.37 -4.89 -0.19
CA LEU B 91 -4.31 -5.26 -1.21
C LEU B 91 -5.03 -4.02 -1.79
N GLU B 92 -4.75 -3.71 -3.06
CA GLU B 92 -5.29 -2.51 -3.72
C GLU B 92 -6.72 -2.70 -4.28
N ASP B 93 -6.93 -3.76 -5.05
CA ASP B 93 -8.24 -4.09 -5.61
C ASP B 93 -8.58 -5.52 -5.28
N LEU B 94 -9.83 -5.72 -4.89
CA LEU B 94 -10.40 -7.04 -4.72
C LEU B 94 -11.83 -6.95 -5.24
N TYR B 95 -12.17 -7.82 -6.20
CA TYR B 95 -13.49 -7.78 -6.83
C TYR B 95 -13.92 -9.16 -7.31
N VAL B 96 -15.18 -9.49 -7.03
CA VAL B 96 -15.86 -10.65 -7.60
C VAL B 96 -17.13 -10.15 -8.27
N THR B 97 -17.36 -10.59 -9.50
CA THR B 97 -18.56 -10.19 -10.25
C THR B 97 -19.84 -10.52 -9.45
N PRO B 98 -20.85 -9.64 -9.50
CA PRO B 98 -22.05 -9.80 -8.65
C PRO B 98 -22.66 -11.21 -8.69
N GLU B 99 -22.74 -11.78 -9.88
CA GLU B 99 -23.32 -13.10 -10.10
C GLU B 99 -22.70 -14.17 -9.21
N TYR B 100 -21.42 -13.98 -8.86
CA TYR B 100 -20.66 -14.98 -8.12
C TYR B 100 -20.25 -14.57 -6.72
N ARG B 101 -20.94 -13.57 -6.16
CA ARG B 101 -20.60 -13.05 -4.82
C ARG B 101 -20.98 -13.95 -3.64
N GLY B 102 -21.65 -15.07 -3.92
CA GLY B 102 -22.08 -15.97 -2.84
C GLY B 102 -21.16 -17.16 -2.59
N VAL B 103 -20.30 -17.46 -3.55
CA VAL B 103 -19.57 -18.74 -3.54
C VAL B 103 -18.32 -18.81 -2.66
N GLY B 104 -17.95 -17.67 -2.07
CA GLY B 104 -16.76 -17.61 -1.20
C GLY B 104 -15.46 -17.35 -1.93
N ALA B 105 -15.54 -16.84 -3.17
CA ALA B 105 -14.36 -16.52 -3.96
C ALA B 105 -13.58 -15.34 -3.39
N GLY B 106 -14.31 -14.28 -3.04
CA GLY B 106 -13.72 -13.08 -2.43
C GLY B 106 -12.97 -13.39 -1.15
N ARG B 107 -13.60 -14.16 -0.28
CA ARG B 107 -12.99 -14.60 0.96
C ARG B 107 -11.73 -15.46 0.73
N ARG B 108 -11.78 -16.39 -0.23
CA ARG B 108 -10.63 -17.23 -0.51
C ARG B 108 -9.45 -16.45 -1.12
N LEU B 109 -9.74 -15.46 -1.96
CA LEU B 109 -8.69 -14.58 -2.48
C LEU B 109 -7.96 -13.88 -1.32
N LEU B 110 -8.75 -13.34 -0.40
CA LEU B 110 -8.23 -12.68 0.80
C LEU B 110 -7.46 -13.67 1.68
N ARG B 111 -7.98 -14.87 1.84
CA ARG B 111 -7.25 -15.92 2.57
C ARG B 111 -5.89 -16.28 1.95
N GLU B 112 -5.83 -16.38 0.62
CA GLU B 112 -4.58 -16.70 -0.06
C GLU B 112 -3.53 -15.59 0.08
N LEU B 113 -3.99 -14.35 0.12
CA LEU B 113 -3.09 -13.21 0.38
C LEU B 113 -2.55 -13.26 1.80
N ALA B 114 -3.40 -13.70 2.74
CA ALA B 114 -3.00 -13.88 4.14
C ALA B 114 -1.97 -15.00 4.28
N ARG B 115 -2.17 -16.07 3.53
CA ARG B 115 -1.21 -17.19 3.51
C ARG B 115 0.13 -16.72 2.92
N GLU B 116 0.07 -15.97 1.83
CA GLU B 116 1.27 -15.38 1.25
C GLU B 116 2.02 -14.48 2.23
N ALA B 117 1.28 -13.63 2.95
CA ALA B 117 1.84 -12.77 4.00
C ALA B 117 2.57 -13.58 5.06
N VAL B 118 1.87 -14.55 5.66
CA VAL B 118 2.48 -15.42 6.66
C VAL B 118 3.67 -16.22 6.10
N ALA B 119 3.54 -16.73 4.89
CA ALA B 119 4.63 -17.49 4.24
C ALA B 119 5.86 -16.63 3.97
N ASN B 120 5.66 -15.33 3.76
CA ASN B 120 6.77 -14.42 3.45
C ASN B 120 7.22 -13.55 4.63
N ASP B 121 6.90 -13.98 5.86
CA ASP B 121 7.32 -13.26 7.08
C ASP B 121 6.76 -11.83 7.21
N CYS B 122 5.53 -11.63 6.72
CA CYS B 122 4.91 -10.31 6.77
C CYS B 122 4.15 -10.07 8.06
N GLY B 123 4.24 -8.84 8.57
CA GLY B 123 3.53 -8.49 9.80
C GLY B 123 2.06 -8.16 9.62
N ARG B 124 1.71 -7.64 8.44
CA ARG B 124 0.38 -7.06 8.19
C ARG B 124 -0.15 -7.35 6.79
N LEU B 125 -1.43 -7.66 6.73
CA LEU B 125 -2.19 -7.57 5.49
C LEU B 125 -3.18 -6.40 5.63
N GLU B 126 -3.18 -5.50 4.66
CA GLU B 126 -3.99 -4.28 4.73
C GLU B 126 -4.66 -3.95 3.40
N TRP B 127 -5.68 -3.10 3.46
CA TRP B 127 -6.43 -2.69 2.29
C TRP B 127 -7.25 -1.48 2.74
N SER B 128 -7.98 -0.87 1.82
CA SER B 128 -8.82 0.27 2.18
C SER B 128 -10.25 0.03 1.72
N VAL B 129 -11.17 0.68 2.42
CA VAL B 129 -12.58 0.55 2.09
C VAL B 129 -13.20 1.93 2.18
N LEU B 130 -14.15 2.19 1.30
CA LEU B 130 -14.90 3.44 1.32
C LEU B 130 -15.81 3.47 2.54
N ASP B 131 -15.86 4.61 3.22
CA ASP B 131 -16.57 4.68 4.51
C ASP B 131 -18.07 4.43 4.41
N TRP B 132 -18.63 4.62 3.21
CA TRP B 132 -20.05 4.37 2.96
C TRP B 132 -20.35 2.91 2.58
N ASN B 133 -19.32 2.11 2.36
CA ASN B 133 -19.50 0.75 1.84
C ASN B 133 -19.71 -0.26 2.97
N GLN B 134 -20.88 -0.18 3.59
CA GLN B 134 -21.24 -0.97 4.79
C GLN B 134 -21.17 -2.50 4.61
N PRO B 135 -21.65 -3.04 3.46
CA PRO B 135 -21.48 -4.49 3.20
C PRO B 135 -20.02 -4.99 3.28
N ALA B 136 -19.09 -4.27 2.65
CA ALA B 136 -17.67 -4.59 2.75
C ALA B 136 -17.12 -4.40 4.17
N ILE B 137 -17.50 -3.29 4.83
CA ILE B 137 -17.10 -3.06 6.22
C ILE B 137 -17.57 -4.19 7.12
N ASP B 138 -18.84 -4.58 7.00
CA ASP B 138 -19.39 -5.70 7.78
C ASP B 138 -18.55 -6.96 7.61
N PHE B 139 -18.19 -7.27 6.36
CA PHE B 139 -17.38 -8.45 6.07
C PHE B 139 -15.99 -8.38 6.68
N TYR B 140 -15.31 -7.25 6.50
CA TYR B 140 -13.97 -7.07 7.07
C TYR B 140 -13.99 -7.13 8.60
N ARG B 141 -14.99 -6.50 9.22
CA ARG B 141 -15.15 -6.56 10.66
C ARG B 141 -15.29 -8.01 11.10
N SER B 142 -16.07 -8.79 10.32
CA SER B 142 -16.41 -10.17 10.67
C SER B 142 -15.21 -11.13 10.72
N ILE B 143 -14.21 -10.87 9.89
CA ILE B 143 -13.00 -11.71 9.86
C ILE B 143 -11.90 -11.23 10.81
N GLY B 144 -12.16 -10.16 11.57
CA GLY B 144 -11.21 -9.71 12.59
C GLY B 144 -10.28 -8.59 12.14
N ALA B 145 -10.51 -8.02 10.97
CA ALA B 145 -9.73 -6.88 10.50
C ALA B 145 -10.17 -5.65 11.29
N LEU B 146 -9.23 -4.73 11.56
CA LEU B 146 -9.50 -3.58 12.41
C LEU B 146 -9.20 -2.27 11.67
N PRO B 147 -10.07 -1.28 11.83
CA PRO B 147 -9.90 0.00 11.12
C PRO B 147 -8.77 0.81 11.75
N GLN B 148 -7.95 1.43 10.89
CA GLN B 148 -6.87 2.31 11.34
C GLN B 148 -7.35 3.74 11.18
N ASP B 149 -8.35 4.10 11.96
CA ASP B 149 -9.09 5.36 11.75
C ASP B 149 -8.43 6.63 12.30
N GLU B 150 -7.31 6.50 12.98
CA GLU B 150 -6.55 7.66 13.42
C GLU B 150 -5.72 8.27 12.28
N TRP B 151 -5.56 7.54 11.18
CA TRP B 151 -4.71 7.99 10.08
C TRP B 151 -5.56 8.53 8.94
N VAL B 152 -5.05 9.58 8.30
CA VAL B 152 -5.65 10.11 7.06
C VAL B 152 -4.61 10.00 5.92
N ARG B 153 -5.00 9.39 4.80
CA ARG B 153 -4.07 9.30 3.68
C ARG B 153 -4.04 10.61 2.90
N TYR B 154 -2.84 11.12 2.64
CA TYR B 154 -2.65 12.33 1.82
C TYR B 154 -2.00 11.98 0.48
N ARG B 155 -2.27 12.78 -0.53
CA ARG B 155 -1.84 12.49 -1.89
C ARG B 155 -1.37 13.73 -2.63
N LEU B 156 -0.23 13.60 -3.32
CA LEU B 156 0.20 14.55 -4.33
C LEU B 156 0.09 13.87 -5.68
N ASP B 157 -0.64 14.48 -6.61
CA ASP B 157 -0.69 13.96 -7.97
C ASP B 157 -0.85 15.12 -8.96
N GLY B 158 -0.92 14.81 -10.25
CA GLY B 158 -1.10 15.84 -11.27
C GLY B 158 -0.11 16.97 -11.17
N GLU B 159 -0.61 18.21 -11.24
CA GLU B 159 0.27 19.39 -11.28
C GLU B 159 1.01 19.59 -9.95
N ALA B 160 0.33 19.34 -8.83
CA ALA B 160 0.94 19.51 -7.51
C ALA B 160 2.18 18.60 -7.35
N LEU B 161 2.10 17.38 -7.87
CA LEU B 161 3.24 16.46 -7.86
C LEU B 161 4.39 16.96 -8.75
N ARG B 162 4.07 17.38 -9.97
CA ARG B 162 5.06 17.93 -10.90
C ARG B 162 5.79 19.13 -10.29
N LYS B 163 5.04 20.05 -9.72
CA LYS B 163 5.61 21.24 -9.05
C LYS B 163 6.53 20.88 -7.86
N MET B 164 6.15 19.87 -7.07
CA MET B 164 6.99 19.38 -5.97
C MET B 164 8.34 18.85 -6.50
N ALA B 165 8.34 18.25 -7.68
CA ALA B 165 9.56 17.74 -8.30
C ALA B 165 10.39 18.84 -8.99
N GLU B 166 9.72 19.88 -9.50
CA GLU B 166 10.38 20.93 -10.29
C GLU B 166 10.84 22.12 -9.45
#